data_3G35
#
_entry.id   3G35
#
_cell.length_a   45.265
_cell.length_b   107.243
_cell.length_c   47.727
_cell.angle_alpha   90.000
_cell.angle_beta   99.930
_cell.angle_gamma   90.000
#
_symmetry.space_group_name_H-M   'P 1 21 1'
#
loop_
_entity.id
_entity.type
_entity.pdbx_description
1 polymer 'Beta-lactamase CTX-M-9a'
2 non-polymer 3-fluoro-N-[3-(1H-tetrazol-5-yl)phenyl]benzamide
3 non-polymer 'DIMETHYL SULFOXIDE'
4 water water
#
_entity_poly.entity_id   1
_entity_poly.type   'polypeptide(L)'
_entity_poly.pdbx_seq_one_letter_code
;QTSAVQQKLAALEKSSGGRLGVALIDTADNTQVLYRGDERFPMCSTSKVMAAAAVLKQSETQKQLLNQPVEIKPADLVNY
NPIAEKHVNGTMTLAELSAAALQYSDNTAMNKLIAQLGGPGGVTAFARAIGDETFRLDRTEPTLNTAIPGDPRDTTTPRA
MAQTLRQLTLGHALGETQRAQLVTWLKGNTTGAASIRAGLPTSWTAGDKTGSGDYGTTNDIAVIWPQGRAPLVLVTYFTQ
PQQNAESRRDVLASAARIIAEGL
;
_entity_poly.pdbx_strand_id   A,B
#
loop_
_chem_comp.id
_chem_comp.type
_chem_comp.name
_chem_comp.formula
DMS non-polymer 'DIMETHYL SULFOXIDE' 'C2 H6 O S'
F13 non-polymer 3-fluoro-N-[3-(1H-tetrazol-5-yl)phenyl]benzamide 'C14 H10 F N5 O'
#
# COMPACT_ATOMS: atom_id res chain seq x y z
N ALA A 4 1.58 -4.92 -3.99
CA ALA A 4 1.77 -5.19 -5.44
C ALA A 4 2.52 -4.05 -6.13
N VAL A 5 1.91 -2.87 -6.18
CA VAL A 5 2.53 -1.66 -6.72
C VAL A 5 3.84 -1.32 -6.01
N GLN A 6 3.85 -1.43 -4.69
CA GLN A 6 5.06 -1.20 -3.89
C GLN A 6 6.20 -2.15 -4.27
N GLN A 7 5.87 -3.43 -4.46
CA GLN A 7 6.86 -4.43 -4.84
CA GLN A 7 6.86 -4.43 -4.84
C GLN A 7 7.38 -4.17 -6.24
N LYS A 8 6.47 -3.78 -7.14
CA LYS A 8 6.87 -3.47 -8.53
C LYS A 8 7.80 -2.27 -8.60
N LEU A 9 7.50 -1.22 -7.83
CA LEU A 9 8.36 -0.04 -7.80
C LEU A 9 9.72 -0.37 -7.19
N ALA A 10 9.73 -1.25 -6.18
CA ALA A 10 10.99 -1.69 -5.58
C ALA A 10 11.83 -2.50 -6.57
N ALA A 11 11.19 -3.37 -7.36
CA ALA A 11 11.89 -4.13 -8.39
C ALA A 11 12.45 -3.23 -9.48
N LEU A 12 11.65 -2.25 -9.91
CA LEU A 12 12.12 -1.26 -10.87
C LEU A 12 13.33 -0.51 -10.32
N GLU A 13 13.23 -0.07 -9.07
CA GLU A 13 14.33 0.65 -8.46
C GLU A 13 15.61 -0.19 -8.41
N LYS A 14 15.46 -1.46 -8.00
CA LYS A 14 16.60 -2.36 -7.89
C LYS A 14 17.31 -2.55 -9.24
N SER A 15 16.54 -2.82 -10.30
CA SER A 15 17.13 -3.01 -11.62
C SER A 15 17.72 -1.73 -12.21
N SER A 16 17.22 -0.58 -11.77
CA SER A 16 17.70 0.72 -12.25
C SER A 16 19.06 1.10 -11.69
N GLY A 17 19.39 0.58 -10.50
CA GLY A 17 20.63 0.89 -9.83
C GLY A 17 20.62 2.20 -9.04
N GLY A 18 19.51 2.93 -9.11
CA GLY A 18 19.44 4.24 -8.46
C GLY A 18 18.44 4.27 -7.33
N ARG A 19 17.98 5.48 -7.01
CA ARG A 19 17.01 5.71 -5.96
C ARG A 19 15.82 6.44 -6.55
N LEU A 20 14.65 5.84 -6.37
CA LEU A 20 13.39 6.28 -6.97
C LEU A 20 12.44 6.80 -5.90
N GLY A 21 11.78 7.92 -6.20
CA GLY A 21 10.79 8.52 -5.32
C GLY A 21 9.50 8.76 -6.09
N VAL A 22 8.37 8.30 -5.56
CA VAL A 22 7.08 8.43 -6.24
C VAL A 22 6.03 8.92 -5.26
N ALA A 23 5.21 9.88 -5.70
CA ALA A 23 3.99 10.25 -4.98
C ALA A 23 2.87 10.45 -5.98
N LEU A 24 1.80 9.67 -5.79
CA LEU A 24 0.56 9.84 -6.51
C LEU A 24 -0.51 10.36 -5.57
N ILE A 25 -1.28 11.35 -6.02
CA ILE A 25 -2.52 11.72 -5.37
C ILE A 25 -3.63 11.47 -6.38
N ASP A 26 -4.63 10.69 -5.97
CA ASP A 26 -5.82 10.49 -6.79
C ASP A 26 -6.89 11.40 -6.24
N THR A 27 -7.27 12.44 -6.98
CA THR A 27 -8.22 13.43 -6.46
C THR A 27 -9.66 12.94 -6.43
N ALA A 28 -9.91 11.74 -6.97
CA ALA A 28 -11.25 11.11 -6.87
C ALA A 28 -11.64 10.88 -5.43
N ASP A 29 -10.66 10.55 -4.59
CA ASP A 29 -10.92 10.13 -3.21
C ASP A 29 -9.77 10.42 -2.26
N ASN A 30 -8.81 11.23 -2.70
CA ASN A 30 -7.64 11.59 -1.90
C ASN A 30 -6.70 10.43 -1.53
N THR A 31 -6.81 9.31 -2.24
CA THR A 31 -5.87 8.21 -2.04
CA THR A 31 -5.88 8.18 -2.08
C THR A 31 -4.48 8.60 -2.50
N GLN A 32 -3.48 8.13 -1.78
CA GLN A 32 -2.09 8.41 -2.09
C GLN A 32 -1.33 7.11 -2.23
N VAL A 33 -0.39 7.09 -3.17
CA VAL A 33 0.59 6.01 -3.27
C VAL A 33 1.95 6.66 -3.15
N LEU A 34 2.74 6.20 -2.19
CA LEU A 34 4.04 6.78 -1.91
C LEU A 34 5.11 5.71 -1.99
N TYR A 35 6.26 6.06 -2.57
CA TYR A 35 7.44 5.20 -2.56
C TYR A 35 8.60 6.14 -2.27
N ARG A 36 9.26 5.96 -1.12
CA ARG A 36 10.24 6.94 -0.62
C ARG A 36 9.62 8.34 -0.62
N GLY A 37 8.34 8.39 -0.24
CA GLY A 37 7.57 9.63 -0.32
C GLY A 37 8.08 10.74 0.58
N ASP A 38 8.81 10.38 1.63
CA ASP A 38 9.31 11.35 2.59
C ASP A 38 10.84 11.48 2.60
N GLU A 39 11.49 10.91 1.58
CA GLU A 39 12.92 11.13 1.40
C GLU A 39 13.12 12.36 0.50
N ARG A 40 14.21 13.09 0.75
CA ARG A 40 14.55 14.24 -0.07
C ARG A 40 15.26 13.83 -1.36
N PHE A 41 14.89 14.54 -2.43
CA PHE A 41 15.51 14.39 -3.74
C PHE A 41 15.82 15.78 -4.28
N PRO A 42 16.89 15.89 -5.09
CA PRO A 42 17.14 17.17 -5.76
C PRO A 42 16.06 17.44 -6.79
N MET A 43 15.43 18.62 -6.73
CA MET A 43 14.31 18.95 -7.62
C MET A 43 14.74 19.18 -9.06
N CYS A 44 15.96 19.71 -9.23
CA CYS A 44 16.38 20.23 -10.52
C CYS A 44 15.27 21.10 -11.11
N SER A 45 15.04 21.03 -12.42
CA SER A 45 14.12 21.98 -13.06
C SER A 45 12.64 21.82 -12.70
N THR A 46 12.29 20.80 -11.93
CA THR A 46 10.90 20.74 -11.46
C THR A 46 10.61 21.94 -10.54
N SER A 47 11.67 22.54 -9.99
CA SER A 47 11.53 23.73 -9.17
C SER A 47 11.03 24.94 -9.95
N LYS A 48 11.14 24.87 -11.28
CA LYS A 48 10.68 25.98 -12.13
C LYS A 48 9.18 26.23 -11.97
N VAL A 49 8.42 25.18 -11.64
CA VAL A 49 6.99 25.36 -11.37
C VAL A 49 6.73 26.29 -10.20
N MET A 50 7.49 26.12 -9.11
CA MET A 50 7.29 26.97 -7.95
C MET A 50 7.65 28.43 -8.24
N ALA A 51 8.72 28.64 -9.01
CA ALA A 51 9.12 30.01 -9.38
C ALA A 51 8.07 30.68 -10.26
N ALA A 52 7.59 29.97 -11.29
CA ALA A 52 6.56 30.53 -12.16
C ALA A 52 5.28 30.82 -11.37
N ALA A 53 4.92 29.90 -10.47
CA ALA A 53 3.71 30.08 -9.67
C ALA A 53 3.81 31.30 -8.76
N ALA A 54 5.00 31.53 -8.22
CA ALA A 54 5.18 32.68 -7.33
C ALA A 54 5.03 33.99 -8.09
N VAL A 55 5.53 34.06 -9.32
CA VAL A 55 5.37 35.24 -10.15
C VAL A 55 3.88 35.40 -10.50
N LEU A 56 3.19 34.30 -10.80
CA LEU A 56 1.74 34.38 -11.03
C LEU A 56 1.02 34.94 -9.79
N LYS A 57 1.45 34.52 -8.60
CA LYS A 57 0.85 35.05 -7.38
C LYS A 57 1.07 36.56 -7.29
N GLN A 58 2.28 37.02 -7.62
CA GLN A 58 2.56 38.46 -7.62
C GLN A 58 1.65 39.20 -8.60
N SER A 59 1.35 38.54 -9.73
CA SER A 59 0.52 39.17 -10.76
C SER A 59 -0.94 39.37 -10.36
N GLU A 60 -1.36 38.74 -9.27
CA GLU A 60 -2.73 38.90 -8.78
C GLU A 60 -2.94 40.30 -8.24
N THR A 61 -1.87 40.90 -7.74
CA THR A 61 -1.95 42.25 -7.15
C THR A 61 -1.29 43.31 -8.02
N GLN A 62 -0.53 42.86 -9.03
CA GLN A 62 -0.04 43.72 -10.09
C GLN A 62 -0.51 43.13 -11.41
N LYS A 63 -1.65 43.59 -11.89
CA LYS A 63 -2.30 42.95 -13.04
C LYS A 63 -1.52 43.08 -14.34
N GLN A 64 -0.56 44.02 -14.39
CA GLN A 64 0.29 44.22 -15.56
C GLN A 64 1.65 43.56 -15.45
N LEU A 65 1.89 42.83 -14.37
CA LEU A 65 3.23 42.28 -14.09
C LEU A 65 3.74 41.38 -15.20
N LEU A 66 2.87 40.53 -15.74
CA LEU A 66 3.31 39.58 -16.77
C LEU A 66 3.74 40.26 -18.06
N ASN A 67 3.33 41.52 -18.24
CA ASN A 67 3.74 42.32 -19.39
C ASN A 67 5.04 43.11 -19.18
N GLN A 68 5.59 43.04 -17.98
CA GLN A 68 6.79 43.79 -17.63
C GLN A 68 8.02 43.27 -18.37
N PRO A 69 8.73 44.14 -19.12
CA PRO A 69 9.97 43.72 -19.79
C PRO A 69 11.14 43.56 -18.83
N VAL A 70 11.98 42.56 -19.10
CA VAL A 70 13.19 42.28 -18.33
C VAL A 70 14.35 42.20 -19.31
N GLU A 71 15.43 42.94 -19.03
CA GLU A 71 16.60 42.94 -19.91
C GLU A 71 17.33 41.60 -19.87
N ILE A 72 17.70 41.12 -21.07
CA ILE A 72 18.55 39.95 -21.20
C ILE A 72 19.89 40.42 -21.74
N LYS A 73 20.93 40.32 -20.91
CA LYS A 73 22.27 40.73 -21.30
CA LYS A 73 22.29 40.73 -21.27
C LYS A 73 23.13 39.51 -21.63
N PRO A 74 24.18 39.70 -22.48
CA PRO A 74 25.04 38.54 -22.77
C PRO A 74 25.55 37.84 -21.52
N ALA A 75 25.87 38.60 -20.48
CA ALA A 75 26.40 38.05 -19.23
C ALA A 75 25.36 37.24 -18.47
N ASP A 76 24.08 37.41 -18.81
CA ASP A 76 23.00 36.68 -18.13
C ASP A 76 22.82 35.26 -18.64
N LEU A 77 23.31 34.99 -19.85
CA LEU A 77 23.14 33.66 -20.45
C LEU A 77 23.93 32.64 -19.65
N VAL A 78 23.29 31.53 -19.34
CA VAL A 78 23.95 30.45 -18.63
C VAL A 78 24.14 29.24 -19.57
N ASN A 79 23.79 28.03 -19.13
CA ASN A 79 24.17 26.81 -19.86
C ASN A 79 23.10 26.19 -20.76
N TYR A 80 21.89 26.73 -20.72
CA TYR A 80 20.80 26.18 -21.52
C TYR A 80 19.75 27.26 -21.69
N ASN A 81 19.81 27.92 -22.84
CA ASN A 81 19.09 29.16 -23.06
C ASN A 81 18.37 29.19 -24.42
N PRO A 82 17.56 28.16 -24.72
CA PRO A 82 17.00 28.04 -26.07
C PRO A 82 16.14 29.22 -26.47
N ILE A 83 15.49 29.86 -25.50
CA ILE A 83 14.65 31.02 -25.79
C ILE A 83 15.40 32.33 -25.52
N ALA A 84 16.04 32.41 -24.34
CA ALA A 84 16.70 33.64 -23.96
C ALA A 84 17.81 34.07 -24.92
N GLU A 85 18.49 33.12 -25.56
CA GLU A 85 19.57 33.51 -26.48
C GLU A 85 19.07 34.34 -27.65
N LYS A 86 17.79 34.20 -28.02
CA LYS A 86 17.22 34.95 -29.13
CA LYS A 86 17.21 34.96 -29.13
C LYS A 86 16.99 36.42 -28.76
N HIS A 87 16.97 36.70 -27.46
CA HIS A 87 16.60 38.03 -26.96
C HIS A 87 17.73 38.76 -26.28
N VAL A 88 18.96 38.27 -26.43
CA VAL A 88 20.11 38.90 -25.81
C VAL A 88 20.29 40.33 -26.37
N ASN A 89 20.67 41.26 -25.49
CA ASN A 89 20.70 42.71 -25.79
C ASN A 89 19.31 43.26 -26.08
N GLY A 90 18.29 42.51 -25.65
CA GLY A 90 16.89 42.93 -25.75
C GLY A 90 16.19 42.63 -24.44
N THR A 91 14.91 42.33 -24.55
CA THR A 91 14.08 42.06 -23.37
C THR A 91 13.15 40.87 -23.60
N MET A 92 12.68 40.30 -22.49
CA MET A 92 11.60 39.32 -22.50
C MET A 92 10.63 39.75 -21.42
N THR A 93 9.33 39.58 -21.64
CA THR A 93 8.37 39.88 -20.57
C THR A 93 8.37 38.79 -19.54
N LEU A 94 7.84 39.08 -18.35
CA LEU A 94 7.73 38.03 -17.33
C LEU A 94 6.84 36.87 -17.78
N ALA A 95 5.82 37.12 -18.60
CA ALA A 95 5.05 36.04 -19.21
C ALA A 95 5.95 35.18 -20.12
N GLU A 96 6.76 35.83 -20.94
CA GLU A 96 7.64 35.07 -21.85
C GLU A 96 8.67 34.27 -21.07
N LEU A 97 9.18 34.85 -20.00
CA LEU A 97 10.16 34.17 -19.16
C LEU A 97 9.53 32.95 -18.46
N SER A 98 8.30 33.13 -17.97
CA SER A 98 7.58 32.02 -17.33
C SER A 98 7.35 30.87 -18.31
N ALA A 99 6.87 31.20 -19.51
CA ALA A 99 6.63 30.17 -20.53
C ALA A 99 7.92 29.51 -20.96
N ALA A 100 8.99 30.30 -21.09
CA ALA A 100 10.28 29.73 -21.50
C ALA A 100 10.84 28.78 -20.44
N ALA A 101 10.76 29.18 -19.18
CA ALA A 101 11.20 28.31 -18.09
C ALA A 101 10.39 27.03 -18.02
N LEU A 102 9.06 27.15 -18.11
CA LEU A 102 8.21 25.98 -17.94
C LEU A 102 8.19 25.05 -19.14
N GLN A 103 8.07 25.63 -20.34
CA GLN A 103 7.77 24.83 -21.51
C GLN A 103 9.01 24.39 -22.28
N TYR A 104 10.10 25.15 -22.12
CA TYR A 104 11.38 24.85 -22.76
C TYR A 104 12.51 24.56 -21.78
N SER A 105 12.22 24.76 -20.49
CA SER A 105 13.19 24.53 -19.42
C SER A 105 14.43 25.43 -19.56
N ASP A 106 14.21 26.66 -20.02
CA ASP A 106 15.26 27.65 -20.20
C ASP A 106 15.81 28.12 -18.84
N ASN A 107 17.12 27.90 -18.64
CA ASN A 107 17.76 28.25 -17.37
C ASN A 107 17.96 29.75 -17.14
N THR A 108 18.18 30.51 -18.21
CA THR A 108 18.29 31.96 -18.08
C THR A 108 16.93 32.51 -17.66
N ALA A 109 15.87 32.01 -18.29
CA ALA A 109 14.52 32.42 -17.93
C ALA A 109 14.24 32.15 -16.45
N MET A 110 14.58 30.95 -15.97
CA MET A 110 14.42 30.64 -14.55
C MET A 110 15.18 31.63 -13.67
N ASN A 111 16.43 31.96 -14.04
CA ASN A 111 17.17 32.95 -13.25
C ASN A 111 16.48 34.30 -13.15
N LYS A 112 15.82 34.72 -14.22
CA LYS A 112 15.09 35.99 -14.18
C LYS A 112 13.86 35.89 -13.27
N LEU A 113 13.19 34.72 -13.26
CA LEU A 113 12.09 34.52 -12.32
C LEU A 113 12.58 34.58 -10.88
N ILE A 114 13.70 33.90 -10.61
CA ILE A 114 14.28 33.91 -9.27
C ILE A 114 14.60 35.34 -8.84
N ALA A 115 15.22 36.11 -9.74
CA ALA A 115 15.58 37.50 -9.42
C ALA A 115 14.33 38.36 -9.13
N GLN A 116 13.27 38.13 -9.91
CA GLN A 116 12.01 38.85 -9.71
C GLN A 116 11.43 38.58 -8.32
N LEU A 117 11.77 37.41 -7.76
CA LEU A 117 11.24 36.99 -6.47
C LEU A 117 12.18 37.33 -5.31
N GLY A 118 13.30 38.00 -5.61
CA GLY A 118 14.24 38.40 -4.59
C GLY A 118 15.29 37.36 -4.27
N GLY A 119 15.44 36.37 -5.13
CA GLY A 119 16.45 35.31 -4.92
C GLY A 119 15.80 33.98 -4.59
N PRO A 120 16.61 32.91 -4.50
CA PRO A 120 16.04 31.58 -4.24
C PRO A 120 15.17 31.54 -2.98
N GLY A 121 15.55 32.31 -1.95
CA GLY A 121 14.76 32.40 -0.72
C GLY A 121 13.34 32.92 -0.93
N GLY A 122 13.16 33.74 -1.97
CA GLY A 122 11.82 34.24 -2.30
C GLY A 122 10.93 33.15 -2.83
N VAL A 123 11.53 32.20 -3.57
CA VAL A 123 10.76 31.05 -4.05
C VAL A 123 10.35 30.16 -2.87
N THR A 124 11.28 29.90 -1.96
CA THR A 124 11.00 29.19 -0.72
C THR A 124 9.92 29.89 0.12
N ALA A 125 10.00 31.21 0.23
CA ALA A 125 8.99 31.98 0.98
C ALA A 125 7.60 31.78 0.42
N PHE A 126 7.48 31.78 -0.91
CA PHE A 126 6.18 31.52 -1.54
C PHE A 126 5.69 30.11 -1.20
N ALA A 127 6.58 29.12 -1.29
CA ALA A 127 6.23 27.75 -0.91
C ALA A 127 5.68 27.67 0.50
N ARG A 128 6.35 28.33 1.44
CA ARG A 128 5.88 28.34 2.83
C ARG A 128 4.51 29.01 2.96
N ALA A 129 4.31 30.10 2.22
CA ALA A 129 3.05 30.84 2.25
C ALA A 129 1.85 29.99 1.82
N ILE A 130 2.07 29.01 0.96
CA ILE A 130 0.98 28.13 0.53
C ILE A 130 0.95 26.80 1.30
N GLY A 131 1.78 26.70 2.33
CA GLY A 131 1.76 25.55 3.25
C GLY A 131 2.73 24.42 2.96
N ASP A 132 3.69 24.65 2.07
CA ASP A 132 4.72 23.66 1.78
C ASP A 132 5.90 23.98 2.69
N GLU A 133 6.11 23.10 3.68
CA GLU A 133 7.16 23.30 4.69
CA GLU A 133 7.14 23.27 4.71
C GLU A 133 8.43 22.54 4.35
N THR A 134 8.42 21.88 3.18
CA THR A 134 9.48 20.95 2.78
C THR A 134 10.38 21.50 1.68
N PHE A 135 9.76 22.05 0.64
CA PHE A 135 10.46 22.66 -0.49
C PHE A 135 11.54 23.64 0.00
N ARG A 136 12.73 23.56 -0.61
CA ARG A 136 13.70 24.63 -0.40
C ARG A 136 14.45 24.89 -1.68
N LEU A 137 14.51 26.15 -2.08
CA LEU A 137 15.38 26.56 -3.18
C LEU A 137 16.49 27.39 -2.58
N ASP A 138 17.72 27.02 -2.88
CA ASP A 138 18.90 27.61 -2.27
C ASP A 138 19.84 28.31 -3.25
N ARG A 139 19.79 27.87 -4.51
CA ARG A 139 20.73 28.36 -5.50
C ARG A 139 20.03 28.76 -6.78
N THR A 140 20.77 29.46 -7.64
CA THR A 140 20.29 29.83 -8.97
C THR A 140 20.71 28.77 -9.99
N GLU A 141 20.32 28.98 -11.24
CA GLU A 141 20.82 28.12 -12.32
C GLU A 141 22.24 28.54 -12.72
N PRO A 142 23.09 27.57 -13.09
CA PRO A 142 22.85 26.14 -13.20
C PRO A 142 23.16 25.31 -11.96
N THR A 143 23.73 25.91 -10.92
CA THR A 143 24.25 25.08 -9.83
C THR A 143 23.18 24.39 -8.98
N LEU A 144 21.92 24.82 -9.08
CA LEU A 144 20.85 24.17 -8.31
C LEU A 144 20.65 22.71 -8.76
N ASN A 145 21.29 22.31 -9.86
CA ASN A 145 21.15 20.95 -10.40
C ASN A 145 22.34 20.04 -10.10
N THR A 146 23.20 20.45 -9.17
CA THR A 146 24.38 19.61 -8.86
C THR A 146 23.99 18.24 -8.30
N ALA A 147 22.86 18.19 -7.59
CA ALA A 147 22.22 16.93 -7.18
C ALA A 147 23.14 15.99 -6.41
N ILE A 148 23.98 16.57 -5.56
CA ILE A 148 24.94 15.80 -4.77
C ILE A 148 24.20 14.97 -3.71
N PRO A 149 24.48 13.65 -3.65
CA PRO A 149 23.80 12.86 -2.62
C PRO A 149 24.00 13.44 -1.22
N GLY A 150 22.92 13.49 -0.47
CA GLY A 150 22.97 13.97 0.91
C GLY A 150 22.85 15.48 1.06
N ASP A 151 23.01 16.22 -0.03
CA ASP A 151 22.94 17.68 0.00
C ASP A 151 21.47 18.10 0.12
N PRO A 152 21.11 18.88 1.17
CA PRO A 152 19.72 19.31 1.31
C PRO A 152 19.34 20.48 0.40
N ARG A 153 20.33 21.14 -0.19
CA ARG A 153 20.04 22.30 -1.03
C ARG A 153 19.16 21.93 -2.23
N ASP A 154 18.15 22.74 -2.49
CA ASP A 154 17.37 22.60 -3.73
C ASP A 154 16.67 21.23 -3.80
N THR A 155 16.14 20.81 -2.66
CA THR A 155 15.44 19.53 -2.55
C THR A 155 14.01 19.69 -2.07
N THR A 156 13.21 18.66 -2.34
CA THR A 156 11.95 18.46 -1.65
C THR A 156 11.68 16.97 -1.55
N THR A 157 10.52 16.59 -1.02
CA THR A 157 10.13 15.19 -0.99
C THR A 157 9.02 14.95 -2.02
N PRO A 158 8.89 13.70 -2.51
CA PRO A 158 7.77 13.43 -3.43
C PRO A 158 6.39 13.80 -2.85
N ARG A 159 6.16 13.46 -1.59
CA ARG A 159 4.88 13.78 -0.95
C ARG A 159 4.61 15.28 -0.98
N ALA A 160 5.60 16.08 -0.59
CA ALA A 160 5.39 17.51 -0.53
C ALA A 160 5.15 18.11 -1.90
N MET A 161 5.91 17.67 -2.90
CA MET A 161 5.76 18.24 -4.24
C MET A 161 4.43 17.86 -4.90
N ALA A 162 3.95 16.64 -4.64
CA ALA A 162 2.65 16.25 -5.16
C ALA A 162 1.55 17.12 -4.56
N GLN A 163 1.61 17.31 -3.24
CA GLN A 163 0.64 18.14 -2.55
C GLN A 163 0.65 19.56 -3.09
N THR A 164 1.83 20.16 -3.20
CA THR A 164 1.95 21.51 -3.74
C THR A 164 1.46 21.60 -5.19
N LEU A 165 1.85 20.65 -6.04
CA LEU A 165 1.41 20.70 -7.43
C LEU A 165 -0.12 20.64 -7.51
N ARG A 166 -0.74 19.83 -6.65
CA ARG A 166 -2.20 19.77 -6.58
C ARG A 166 -2.80 21.11 -6.18
N GLN A 167 -2.24 21.71 -5.12
CA GLN A 167 -2.76 23.00 -4.67
C GLN A 167 -2.66 24.06 -5.76
N LEU A 168 -1.54 24.06 -6.49
CA LEU A 168 -1.30 25.08 -7.53
C LEU A 168 -2.19 24.92 -8.75
N THR A 169 -2.40 23.67 -9.18
CA THR A 169 -3.06 23.42 -10.46
C THR A 169 -4.54 23.09 -10.33
N LEU A 170 -4.94 22.55 -9.18
CA LEU A 170 -6.30 22.07 -8.99
C LEU A 170 -6.99 22.71 -7.79
N GLY A 171 -6.20 23.37 -6.94
CA GLY A 171 -6.72 23.99 -5.72
C GLY A 171 -6.71 25.50 -5.80
N HIS A 172 -6.58 26.13 -4.64
CA HIS A 172 -6.79 27.57 -4.50
C HIS A 172 -5.54 28.34 -4.05
N ALA A 173 -4.37 27.79 -4.33
CA ALA A 173 -3.13 28.52 -4.06
C ALA A 173 -3.06 29.80 -4.88
N LEU A 174 -3.57 29.73 -6.10
CA LEU A 174 -3.58 30.86 -7.02
C LEU A 174 -5.01 31.29 -7.32
N GLY A 175 -5.18 32.55 -7.76
CA GLY A 175 -6.46 32.99 -8.32
C GLY A 175 -6.86 32.15 -9.53
N GLU A 176 -8.15 32.15 -9.88
CA GLU A 176 -8.62 31.29 -10.96
C GLU A 176 -7.92 31.55 -12.29
N THR A 177 -7.72 32.81 -12.64
CA THR A 177 -7.05 33.15 -13.90
C THR A 177 -5.60 32.64 -13.90
N GLN A 178 -4.94 32.78 -12.76
CA GLN A 178 -3.54 32.39 -12.63
C GLN A 178 -3.39 30.88 -12.67
N ARG A 179 -4.30 30.18 -11.99
CA ARG A 179 -4.33 28.71 -12.00
C ARG A 179 -4.49 28.20 -13.43
N ALA A 180 -5.43 28.79 -14.18
CA ALA A 180 -5.67 28.41 -15.57
C ALA A 180 -4.42 28.65 -16.42
N GLN A 181 -3.72 29.76 -16.16
CA GLN A 181 -2.51 30.08 -16.91
C GLN A 181 -1.42 29.05 -16.63
N LEU A 182 -1.28 28.67 -15.36
CA LEU A 182 -0.28 27.67 -15.00
C LEU A 182 -0.59 26.34 -15.68
N VAL A 183 -1.86 25.93 -15.63
CA VAL A 183 -2.25 24.67 -16.27
C VAL A 183 -1.99 24.72 -17.78
N THR A 184 -2.34 25.84 -18.40
CA THR A 184 -2.11 26.01 -19.84
C THR A 184 -0.62 25.87 -20.16
N TRP A 185 0.22 26.50 -19.33
CA TRP A 185 1.66 26.41 -19.57
C TRP A 185 2.16 24.97 -19.46
N LEU A 186 1.76 24.29 -18.38
CA LEU A 186 2.18 22.90 -18.16
C LEU A 186 1.71 21.97 -19.27
N LYS A 187 0.46 22.13 -19.71
CA LYS A 187 -0.08 21.32 -20.81
C LYS A 187 0.64 21.57 -22.13
N GLY A 188 1.28 22.74 -22.24
CA GLY A 188 2.05 23.07 -23.41
C GLY A 188 3.54 22.77 -23.32
N ASN A 189 3.93 22.03 -22.27
CA ASN A 189 5.34 21.63 -22.13
C ASN A 189 5.85 20.91 -23.38
N THR A 190 7.09 21.19 -23.78
CA THR A 190 7.68 20.53 -24.95
C THR A 190 8.62 19.37 -24.58
N THR A 191 8.96 19.25 -23.31
CA THR A 191 10.06 18.35 -22.91
C THR A 191 9.64 17.01 -22.31
N GLY A 192 8.35 16.73 -22.25
CA GLY A 192 7.85 15.67 -21.37
C GLY A 192 7.43 14.32 -21.95
N ALA A 193 7.51 14.16 -23.28
CA ALA A 193 6.92 12.96 -23.89
C ALA A 193 7.58 11.64 -23.53
N ALA A 194 8.82 11.69 -23.06
CA ALA A 194 9.58 10.47 -22.75
C ALA A 194 9.54 10.11 -21.27
N SER A 195 8.90 10.95 -20.47
CA SER A 195 8.98 10.79 -19.03
C SER A 195 7.66 10.20 -18.49
N ILE A 196 7.03 10.80 -17.48
CA ILE A 196 5.77 10.25 -16.95
C ILE A 196 4.77 9.92 -18.05
N ARG A 197 4.60 10.84 -18.99
CA ARG A 197 3.55 10.67 -19.98
C ARG A 197 3.76 9.49 -20.93
N ALA A 198 5.01 9.04 -21.05
CA ALA A 198 5.33 7.84 -21.85
C ALA A 198 4.75 6.57 -21.23
N GLY A 199 4.46 6.61 -19.93
CA GLY A 199 3.91 5.45 -19.23
C GLY A 199 2.40 5.51 -19.04
N LEU A 200 1.75 6.52 -19.59
CA LEU A 200 0.32 6.68 -19.41
C LEU A 200 -0.47 6.32 -20.66
N PRO A 201 -1.73 5.86 -20.51
CA PRO A 201 -2.58 5.65 -21.67
C PRO A 201 -2.63 6.90 -22.54
N THR A 202 -2.61 6.72 -23.86
CA THR A 202 -2.57 7.83 -24.82
C THR A 202 -3.81 8.71 -24.80
N SER A 203 -4.96 8.14 -24.42
CA SER A 203 -6.21 8.89 -24.37
C SER A 203 -6.22 9.95 -23.28
N TRP A 204 -5.34 9.80 -22.29
CA TRP A 204 -5.26 10.70 -21.16
C TRP A 204 -4.57 11.99 -21.59
N THR A 205 -4.91 13.09 -20.92
CA THR A 205 -4.23 14.35 -21.15
C THR A 205 -3.47 14.71 -19.90
N ALA A 206 -2.39 15.47 -20.08
CA ALA A 206 -1.55 15.85 -18.95
C ALA A 206 -0.74 17.10 -19.22
N GLY A 207 -0.26 17.70 -18.14
CA GLY A 207 0.79 18.72 -18.21
C GLY A 207 1.90 18.26 -17.29
N ASP A 208 3.12 18.68 -17.56
CA ASP A 208 4.23 18.24 -16.70
C ASP A 208 5.39 19.20 -16.75
N LYS A 209 6.30 19.03 -15.78
CA LYS A 209 7.57 19.73 -15.81
C LYS A 209 8.66 18.73 -15.48
N THR A 210 9.63 18.61 -16.40
CA THR A 210 10.77 17.72 -16.24
C THR A 210 11.93 18.40 -15.50
N GLY A 211 12.87 17.59 -15.05
CA GLY A 211 14.14 18.13 -14.56
C GLY A 211 15.21 17.08 -14.69
N SER A 212 16.47 17.52 -14.76
CA SER A 212 17.59 16.58 -14.70
C SER A 212 18.82 17.31 -14.19
N GLY A 213 19.84 16.56 -13.79
CA GLY A 213 21.06 17.17 -13.29
C GLY A 213 22.17 16.15 -13.22
N ASP A 214 23.21 16.48 -12.45
CA ASP A 214 24.28 15.51 -12.21
C ASP A 214 23.74 14.31 -11.42
N TYR A 215 24.59 13.31 -11.24
CA TYR A 215 24.18 12.05 -10.61
C TYR A 215 23.04 11.38 -11.36
N GLY A 216 23.01 11.60 -12.67
CA GLY A 216 21.97 11.01 -13.52
C GLY A 216 20.56 11.27 -13.02
N THR A 217 20.39 12.43 -12.39
CA THR A 217 19.11 12.78 -11.78
C THR A 217 18.11 13.07 -12.91
N THR A 218 16.94 12.45 -12.80
CA THR A 218 15.95 12.51 -13.85
C THR A 218 14.59 12.58 -13.16
N ASN A 219 13.87 13.69 -13.36
CA ASN A 219 12.68 13.99 -12.59
C ASN A 219 11.52 14.39 -13.49
N ASP A 220 10.30 14.24 -12.99
CA ASP A 220 9.12 14.76 -13.69
C ASP A 220 7.99 14.93 -12.69
N ILE A 221 7.22 16.01 -12.82
CA ILE A 221 6.01 16.18 -12.01
C ILE A 221 4.86 16.46 -12.97
N ALA A 222 3.71 15.85 -12.72
CA ALA A 222 2.63 15.94 -13.70
C ALA A 222 1.27 16.06 -13.06
N VAL A 223 0.39 16.77 -13.75
CA VAL A 223 -1.04 16.74 -13.45
C VAL A 223 -1.72 16.07 -14.64
N ILE A 224 -2.61 15.13 -14.34
CA ILE A 224 -3.10 14.17 -15.34
C ILE A 224 -4.62 14.14 -15.29
N TRP A 225 -5.24 14.23 -16.47
CA TRP A 225 -6.68 14.10 -16.60
C TRP A 225 -7.00 12.80 -17.34
N PRO A 226 -7.31 11.71 -16.60
CA PRO A 226 -7.71 10.47 -17.26
C PRO A 226 -9.16 10.53 -17.71
N GLY A 228 -12.16 9.20 -17.89
CA GLY A 228 -13.20 8.50 -17.13
C GLY A 228 -13.09 8.58 -15.62
N ARG A 229 -12.15 9.38 -15.12
CA ARG A 229 -11.97 9.57 -13.68
C ARG A 229 -11.37 10.94 -13.34
N ALA A 230 -11.39 11.30 -12.06
CA ALA A 230 -10.90 12.60 -11.59
C ALA A 230 -9.39 12.73 -11.82
N PRO A 231 -8.88 13.97 -11.87
CA PRO A 231 -7.45 14.18 -12.11
C PRO A 231 -6.54 13.48 -11.10
N LEU A 232 -5.33 13.19 -11.57
CA LEU A 232 -4.28 12.62 -10.74
C LEU A 232 -3.13 13.61 -10.70
N VAL A 233 -2.37 13.58 -9.60
CA VAL A 233 -1.09 14.29 -9.55
C VAL A 233 -0.01 13.26 -9.29
N LEU A 234 1.06 13.32 -10.08
CA LEU A 234 2.11 12.31 -9.97
C LEU A 234 3.49 12.96 -10.02
N VAL A 235 4.31 12.60 -9.04
CA VAL A 235 5.70 13.03 -8.99
C VAL A 235 6.59 11.81 -9.08
N THR A 236 7.58 11.83 -9.97
CA THR A 236 8.57 10.76 -10.06
C THR A 236 9.97 11.37 -10.05
N TYR A 237 10.73 11.09 -9.01
CA TYR A 237 12.09 11.58 -8.86
C TYR A 237 13.05 10.40 -8.90
N PHE A 238 14.20 10.59 -9.53
CA PHE A 238 15.16 9.49 -9.69
C PHE A 238 16.57 10.04 -9.69
N THR A 239 17.44 9.40 -8.91
CA THR A 239 18.84 9.85 -8.84
C THR A 239 19.76 8.64 -8.64
N GLN A 240 21.02 8.79 -9.06
CA GLN A 240 21.93 7.65 -9.17
C GLN A 240 23.23 7.93 -8.42
N PRO A 241 23.98 6.88 -8.06
CA PRO A 241 25.16 7.05 -7.20
C PRO A 241 26.41 7.69 -7.81
N GLN A 242 26.53 7.68 -9.15
CA GLN A 242 27.72 8.25 -9.80
C GLN A 242 27.43 9.58 -10.47
N GLN A 243 28.34 10.53 -10.30
CA GLN A 243 28.13 11.90 -10.77
C GLN A 243 27.84 11.98 -12.26
N ASN A 244 28.47 11.11 -13.06
CA ASN A 244 28.31 11.20 -14.51
CA ASN A 244 28.36 11.14 -14.51
C ASN A 244 27.34 10.17 -15.10
N ALA A 245 26.47 9.64 -14.25
CA ALA A 245 25.44 8.70 -14.69
C ALA A 245 24.55 9.31 -15.79
N GLU A 246 24.09 8.47 -16.71
CA GLU A 246 23.19 8.84 -17.79
CA GLU A 246 23.20 8.90 -17.78
C GLU A 246 21.78 9.11 -17.27
N SER A 247 21.06 10.02 -17.91
CA SER A 247 19.65 10.26 -17.58
C SER A 247 18.83 9.01 -17.88
N ARG A 248 17.76 8.81 -17.11
CA ARG A 248 16.92 7.62 -17.26
C ARG A 248 15.43 7.98 -17.28
N ARG A 249 15.01 8.66 -18.34
CA ARG A 249 13.60 9.03 -18.47
C ARG A 249 12.72 7.79 -18.56
N ASP A 250 13.28 6.71 -19.10
CA ASP A 250 12.57 5.42 -19.17
C ASP A 250 12.16 4.88 -17.80
N VAL A 251 12.95 5.17 -16.77
CA VAL A 251 12.61 4.76 -15.41
C VAL A 251 11.37 5.50 -14.94
N LEU A 252 11.28 6.79 -15.27
CA LEU A 252 10.09 7.56 -14.91
C LEU A 252 8.84 7.05 -15.62
N ALA A 253 8.99 6.75 -16.91
CA ALA A 253 7.90 6.17 -17.70
C ALA A 253 7.45 4.83 -17.10
N SER A 254 8.42 4.02 -16.68
CA SER A 254 8.11 2.72 -16.07
C SER A 254 7.37 2.87 -14.75
N ALA A 255 7.80 3.81 -13.92
CA ALA A 255 7.14 4.07 -12.65
C ALA A 255 5.70 4.53 -12.90
N ALA A 256 5.53 5.41 -13.88
CA ALA A 256 4.20 5.91 -14.22
C ALA A 256 3.29 4.78 -14.72
N ARG A 257 3.85 3.87 -15.52
CA ARG A 257 3.07 2.76 -16.05
CA ARG A 257 3.08 2.74 -16.04
C ARG A 257 2.62 1.83 -14.92
N ILE A 258 3.50 1.56 -13.97
CA ILE A 258 3.17 0.76 -12.78
C ILE A 258 2.01 1.41 -12.01
N ILE A 259 2.11 2.72 -11.80
CA ILE A 259 1.05 3.48 -11.13
C ILE A 259 -0.28 3.39 -11.89
N ALA A 260 -0.24 3.65 -13.20
CA ALA A 260 -1.45 3.65 -14.03
C ALA A 260 -2.14 2.29 -14.07
N GLU A 261 -1.34 1.22 -14.16
CA GLU A 261 -1.88 -0.14 -14.20
C GLU A 261 -2.42 -0.57 -12.84
N GLY A 262 -1.95 0.07 -11.78
CA GLY A 262 -2.40 -0.21 -10.41
C GLY A 262 -3.67 0.52 -9.99
N LEU A 263 -4.12 1.46 -10.82
CA LEU A 263 -5.30 2.28 -10.49
C LEU A 263 -6.60 1.50 -10.54
N SER B 3 -31.61 -7.42 13.19
CA SER B 3 -32.22 -8.39 14.15
C SER B 3 -31.82 -8.06 15.58
N ALA B 4 -32.40 -8.81 16.53
CA ALA B 4 -32.09 -8.67 17.94
C ALA B 4 -30.63 -9.03 18.23
N VAL B 5 -30.12 -10.05 17.54
CA VAL B 5 -28.72 -10.46 17.68
C VAL B 5 -27.78 -9.36 17.14
N GLN B 6 -28.15 -8.76 16.01
CA GLN B 6 -27.37 -7.65 15.42
C GLN B 6 -27.15 -6.49 16.39
N GLN B 7 -28.22 -6.11 17.07
CA GLN B 7 -28.20 -4.99 18.01
CA GLN B 7 -28.22 -5.00 18.02
C GLN B 7 -27.33 -5.30 19.23
N LYS B 8 -27.38 -6.55 19.70
CA LYS B 8 -26.55 -6.97 20.82
C LYS B 8 -25.08 -7.01 20.44
N LEU B 9 -24.78 -7.44 19.20
CA LEU B 9 -23.42 -7.44 18.69
C LEU B 9 -22.89 -6.01 18.54
N ALA B 10 -23.76 -5.11 18.09
CA ALA B 10 -23.39 -3.69 17.97
C ALA B 10 -23.07 -3.10 19.35
N ALA B 11 -23.90 -3.43 20.35
CA ALA B 11 -23.67 -2.97 21.71
C ALA B 11 -22.36 -3.53 22.28
N LEU B 12 -22.08 -4.79 22.00
CA LEU B 12 -20.83 -5.41 22.40
C LEU B 12 -19.64 -4.70 21.77
N GLU B 13 -19.71 -4.47 20.46
CA GLU B 13 -18.65 -3.77 19.77
C GLU B 13 -18.40 -2.39 20.39
N LYS B 14 -19.47 -1.64 20.63
CA LYS B 14 -19.33 -0.29 21.17
C LYS B 14 -18.59 -0.30 22.52
N SER B 15 -18.97 -1.24 23.38
CA SER B 15 -18.37 -1.37 24.72
C SER B 15 -16.89 -1.75 24.65
N SER B 16 -16.53 -2.46 23.58
CA SER B 16 -15.20 -3.05 23.43
C SER B 16 -14.14 -2.04 22.96
N GLY B 17 -14.59 -0.98 22.29
CA GLY B 17 -13.69 0.03 21.76
C GLY B 17 -13.02 -0.33 20.44
N GLY B 18 -13.38 -1.51 19.91
CA GLY B 18 -12.78 -1.99 18.66
C GLY B 18 -13.78 -2.21 17.54
N ARG B 19 -13.36 -3.04 16.58
CA ARG B 19 -14.16 -3.37 15.39
C ARG B 19 -14.35 -4.88 15.39
N LEU B 20 -15.62 -5.29 15.37
CA LEU B 20 -16.02 -6.69 15.47
C LEU B 20 -16.67 -7.20 14.20
N GLY B 21 -16.25 -8.37 13.74
CA GLY B 21 -16.83 -9.01 12.57
C GLY B 21 -17.32 -10.40 12.92
N VAL B 22 -18.57 -10.71 12.56
CA VAL B 22 -19.16 -12.01 12.87
C VAL B 22 -19.86 -12.56 11.64
N ALA B 23 -19.69 -13.86 11.40
CA ALA B 23 -20.52 -14.56 10.44
C ALA B 23 -20.87 -15.94 10.98
N LEU B 24 -22.16 -16.21 11.08
CA LEU B 24 -22.70 -17.52 11.43
C LEU B 24 -23.35 -18.16 10.23
N ILE B 25 -23.11 -19.46 10.03
CA ILE B 25 -23.97 -20.27 9.16
C ILE B 25 -24.58 -21.36 10.02
N ASP B 26 -25.91 -21.43 10.03
CA ASP B 26 -26.60 -22.53 10.68
C ASP B 26 -26.98 -23.54 9.60
N THR B 27 -26.33 -24.71 9.60
CA THR B 27 -26.57 -25.67 8.52
C THR B 27 -27.90 -26.41 8.65
N ALA B 28 -28.64 -26.18 9.75
CA ALA B 28 -29.96 -26.77 9.94
C ALA B 28 -30.94 -26.25 8.90
N ASP B 29 -30.78 -24.97 8.57
CA ASP B 29 -31.73 -24.28 7.69
C ASP B 29 -31.03 -23.30 6.75
N ASN B 30 -29.69 -23.32 6.73
CA ASN B 30 -28.89 -22.44 5.88
C ASN B 30 -29.10 -20.95 6.16
N THR B 31 -29.49 -20.62 7.38
CA THR B 31 -29.65 -19.23 7.78
C THR B 31 -28.31 -18.66 8.23
N GLN B 32 -28.21 -17.35 8.21
CA GLN B 32 -26.98 -16.67 8.56
C GLN B 32 -27.23 -15.51 9.50
N VAL B 33 -26.20 -15.21 10.30
CA VAL B 33 -26.15 -13.98 11.06
C VAL B 33 -24.84 -13.32 10.70
N LEU B 34 -24.89 -12.05 10.33
CA LEU B 34 -23.74 -11.31 9.86
C LEU B 34 -23.63 -9.98 10.57
N TYR B 35 -22.41 -9.63 10.97
CA TYR B 35 -22.13 -8.31 11.53
C TYR B 35 -20.78 -7.89 10.97
N ARG B 36 -20.76 -6.80 10.21
CA ARG B 36 -19.58 -6.44 9.41
C ARG B 36 -19.08 -7.65 8.63
N GLY B 37 -20.04 -8.42 8.10
CA GLY B 37 -19.71 -9.69 7.48
C GLY B 37 -18.92 -9.56 6.19
N ASP B 38 -18.97 -8.39 5.55
CA ASP B 38 -18.25 -8.16 4.30
C ASP B 38 -17.06 -7.22 4.42
N GLU B 39 -16.70 -6.83 5.65
CA GLU B 39 -15.50 -6.04 5.88
C GLU B 39 -14.29 -6.95 6.00
N ARG B 40 -13.14 -6.47 5.52
CA ARG B 40 -11.90 -7.20 5.67
C ARG B 40 -11.33 -7.06 7.09
N PHE B 41 -10.81 -8.17 7.61
CA PHE B 41 -10.14 -8.22 8.91
C PHE B 41 -8.83 -8.98 8.73
N PRO B 42 -7.79 -8.61 9.50
CA PRO B 42 -6.57 -9.40 9.48
C PRO B 42 -6.83 -10.78 10.09
N MET B 43 -6.51 -11.83 9.34
CA MET B 43 -6.80 -13.20 9.75
C MET B 43 -5.93 -13.69 10.90
N CYS B 44 -4.70 -13.20 10.92
CA CYS B 44 -3.68 -13.73 11.82
C CYS B 44 -3.71 -15.27 11.72
N SER B 45 -3.54 -15.98 12.84
CA SER B 45 -3.36 -17.43 12.78
C SER B 45 -4.58 -18.24 12.32
N THR B 46 -5.73 -17.59 12.17
CA THR B 46 -6.86 -18.33 11.59
C THR B 46 -6.53 -18.77 10.15
N SER B 47 -5.56 -18.10 9.52
CA SER B 47 -5.08 -18.48 8.19
C SER B 47 -4.38 -19.85 8.18
N LYS B 48 -3.97 -20.32 9.35
CA LYS B 48 -3.33 -21.65 9.43
C LYS B 48 -4.27 -22.76 8.96
N VAL B 49 -5.58 -22.54 9.10
CA VAL B 49 -6.56 -23.50 8.58
C VAL B 49 -6.44 -23.66 7.07
N MET B 50 -6.30 -22.55 6.36
N MET B 50 -6.28 -22.54 6.37
CA MET B 50 -6.21 -22.61 4.90
CA MET B 50 -6.18 -22.57 4.92
C MET B 50 -4.90 -23.28 4.46
C MET B 50 -4.89 -23.21 4.43
N ALA B 51 -3.80 -22.96 5.15
CA ALA B 51 -2.51 -23.60 4.84
C ALA B 51 -2.53 -25.11 5.06
N ALA B 52 -3.03 -25.54 6.22
CA ALA B 52 -3.15 -26.98 6.50
C ALA B 52 -4.09 -27.66 5.51
N ALA B 53 -5.21 -27.02 5.20
CA ALA B 53 -6.15 -27.59 4.24
C ALA B 53 -5.53 -27.73 2.85
N ALA B 54 -4.69 -26.76 2.47
CA ALA B 54 -4.03 -26.80 1.17
C ALA B 54 -3.08 -27.99 1.08
N VAL B 55 -2.37 -28.27 2.17
CA VAL B 55 -1.49 -29.45 2.21
C VAL B 55 -2.32 -30.73 2.14
N LEU B 56 -3.46 -30.75 2.83
CA LEU B 56 -4.36 -31.90 2.73
C LEU B 56 -4.81 -32.11 1.30
N LYS B 57 -5.14 -31.04 0.59
CA LYS B 57 -5.52 -31.17 -0.81
C LYS B 57 -4.37 -31.76 -1.64
N GLN B 58 -3.14 -31.29 -1.42
CA GLN B 58 -2.01 -31.85 -2.14
C GLN B 58 -1.90 -33.34 -1.88
N SER B 59 -2.19 -33.75 -0.65
CA SER B 59 -2.03 -35.15 -0.24
C SER B 59 -3.04 -36.08 -0.91
N GLU B 60 -4.07 -35.50 -1.53
CA GLU B 60 -5.05 -36.30 -2.27
C GLU B 60 -4.41 -36.95 -3.48
N THR B 61 -3.45 -36.24 -4.08
CA THR B 61 -2.73 -36.73 -5.25
C THR B 61 -1.37 -37.32 -4.88
N GLN B 62 -0.67 -36.67 -3.96
CA GLN B 62 0.61 -37.16 -3.42
C GLN B 62 0.32 -37.98 -2.16
N LYS B 63 0.00 -39.25 -2.35
CA LYS B 63 -0.61 -40.06 -1.28
C LYS B 63 0.21 -40.24 0.01
N GLN B 64 1.53 -40.18 -0.11
CA GLN B 64 2.39 -40.32 1.07
C GLN B 64 2.84 -39.00 1.65
N LEU B 65 2.29 -37.90 1.13
CA LEU B 65 2.81 -36.55 1.44
C LEU B 65 2.81 -36.22 2.93
N LEU B 66 1.77 -36.65 3.65
CA LEU B 66 1.66 -36.33 5.07
C LEU B 66 2.75 -36.97 5.92
N ASN B 67 3.37 -38.02 5.41
N ASN B 67 3.38 -38.02 5.40
CA ASN B 67 4.47 -38.67 6.13
CA ASN B 67 4.45 -38.72 6.11
C ASN B 67 5.86 -38.23 5.66
C ASN B 67 5.84 -38.21 5.70
N GLN B 68 5.89 -37.23 4.79
CA GLN B 68 7.17 -36.67 4.29
C GLN B 68 7.90 -35.92 5.41
N PRO B 69 9.17 -36.30 5.67
CA PRO B 69 9.92 -35.53 6.67
C PRO B 69 10.39 -34.18 6.13
N VAL B 70 10.32 -33.17 6.97
CA VAL B 70 10.72 -31.81 6.63
C VAL B 70 11.76 -31.38 7.66
N GLU B 71 12.89 -30.89 7.19
CA GLU B 71 13.98 -30.47 8.07
CA GLU B 71 13.99 -30.45 8.06
C GLU B 71 13.64 -29.19 8.83
N ILE B 72 13.97 -29.18 10.12
CA ILE B 72 13.83 -28.01 10.97
C ILE B 72 15.24 -27.55 11.34
N LYS B 73 15.63 -26.40 10.82
CA LYS B 73 16.96 -25.83 11.06
CA LYS B 73 16.96 -25.85 11.08
C LYS B 73 16.88 -24.76 12.15
N PRO B 74 17.99 -24.54 12.89
CA PRO B 74 17.96 -23.46 13.88
C PRO B 74 17.45 -22.13 13.34
N ALA B 75 17.85 -21.77 12.12
CA ALA B 75 17.47 -20.51 11.49
C ALA B 75 15.98 -20.45 11.08
N ASP B 76 15.33 -21.60 11.07
CA ASP B 76 13.89 -21.67 10.73
C ASP B 76 13.02 -21.17 11.86
N LEU B 77 13.49 -21.26 13.10
CA LEU B 77 12.67 -20.87 14.25
C LEU B 77 12.30 -19.41 14.16
N VAL B 78 11.02 -19.12 14.38
CA VAL B 78 10.58 -17.73 14.46
C VAL B 78 10.19 -17.36 15.91
N ASN B 79 9.04 -16.72 16.12
CA ASN B 79 8.74 -16.10 17.41
C ASN B 79 7.84 -16.92 18.33
N TYR B 80 7.35 -18.06 17.85
CA TYR B 80 6.51 -18.94 18.66
C TYR B 80 6.54 -20.34 18.09
N ASN B 81 7.34 -21.21 18.73
CA ASN B 81 7.69 -22.51 18.15
C ASN B 81 7.58 -23.63 19.18
N PRO B 82 6.41 -23.76 19.83
CA PRO B 82 6.29 -24.71 20.95
C PRO B 82 6.58 -26.16 20.59
N ILE B 83 6.31 -26.54 19.34
CA ILE B 83 6.56 -27.90 18.90
C ILE B 83 7.87 -27.96 18.13
N ALA B 84 8.04 -27.04 17.18
CA ALA B 84 9.20 -27.07 16.29
C ALA B 84 10.54 -26.96 17.01
N GLU B 85 10.61 -26.22 18.10
CA GLU B 85 11.89 -26.05 18.80
C GLU B 85 12.46 -27.38 19.30
N LYS B 86 11.59 -28.36 19.54
CA LYS B 86 12.05 -29.66 20.03
C LYS B 86 12.73 -30.49 18.94
N HIS B 87 12.50 -30.11 17.69
CA HIS B 87 12.93 -30.91 16.54
C HIS B 87 13.98 -30.23 15.69
N VAL B 88 14.56 -29.14 16.21
CA VAL B 88 15.64 -28.43 15.51
C VAL B 88 16.81 -29.40 15.29
N ASN B 89 17.40 -29.33 14.10
CA ASN B 89 18.42 -30.30 13.67
C ASN B 89 17.86 -31.72 13.53
N GLY B 90 16.54 -31.80 13.37
CA GLY B 90 15.85 -33.04 13.08
C GLY B 90 14.77 -32.75 12.06
N THR B 91 13.73 -33.57 12.07
CA THR B 91 12.65 -33.42 11.10
C THR B 91 11.29 -33.56 11.76
N MET B 92 10.28 -33.03 11.08
CA MET B 92 8.89 -33.27 11.42
C MET B 92 8.18 -33.65 10.12
N THR B 93 7.17 -34.50 10.20
CA THR B 93 6.42 -34.83 9.00
C THR B 93 5.42 -33.72 8.71
N LEU B 94 4.92 -33.68 7.48
CA LEU B 94 3.91 -32.69 7.13
C LEU B 94 2.63 -32.83 7.95
N ALA B 95 2.26 -34.05 8.34
CA ALA B 95 1.14 -34.25 9.27
C ALA B 95 1.44 -33.64 10.64
N GLU B 96 2.66 -33.87 11.14
CA GLU B 96 3.06 -33.30 12.42
C GLU B 96 3.11 -31.77 12.39
N LEU B 97 3.58 -31.22 11.27
CA LEU B 97 3.60 -29.77 11.07
C LEU B 97 2.20 -29.19 10.99
N SER B 98 1.30 -29.91 10.32
CA SER B 98 -0.10 -29.48 10.25
C SER B 98 -0.74 -29.46 11.64
N ALA B 99 -0.54 -30.54 12.41
CA ALA B 99 -1.09 -30.61 13.77
C ALA B 99 -0.48 -29.53 14.66
N ALA B 100 0.82 -29.29 14.50
CA ALA B 100 1.49 -28.25 15.31
C ALA B 100 0.92 -26.87 15.00
N ALA B 101 0.75 -26.58 13.71
CA ALA B 101 0.20 -25.29 13.29
C ALA B 101 -1.23 -25.11 13.80
N LEU B 102 -2.07 -26.12 13.59
CA LEU B 102 -3.47 -26.02 13.96
C LEU B 102 -3.73 -26.07 15.46
N GLN B 103 -3.12 -27.05 16.13
CA GLN B 103 -3.50 -27.35 17.51
C GLN B 103 -2.70 -26.55 18.54
N TYR B 104 -1.50 -26.13 18.16
CA TYR B 104 -0.60 -25.41 19.05
C TYR B 104 -0.29 -24.02 18.53
N SER B 105 -0.72 -23.72 17.30
CA SER B 105 -0.49 -22.41 16.68
C SER B 105 1.01 -22.11 16.50
N ASP B 106 1.77 -23.15 16.18
CA ASP B 106 3.21 -23.03 15.99
C ASP B 106 3.51 -22.28 14.69
N ASN B 107 4.25 -21.16 14.81
CA ASN B 107 4.55 -20.31 13.64
C ASN B 107 5.62 -20.88 12.73
N THR B 108 6.56 -21.64 13.28
CA THR B 108 7.55 -22.31 12.44
C THR B 108 6.84 -23.36 11.58
N ALA B 109 5.94 -24.11 12.21
CA ALA B 109 5.16 -25.12 11.50
C ALA B 109 4.35 -24.49 10.36
N MET B 110 3.70 -23.37 10.65
CA MET B 110 2.97 -22.64 9.60
C MET B 110 3.90 -22.26 8.44
N ASN B 111 5.08 -21.75 8.74
CA ASN B 111 6.00 -21.40 7.66
C ASN B 111 6.41 -22.58 6.79
N LYS B 112 6.49 -23.76 7.39
CA LYS B 112 6.78 -24.97 6.60
C LYS B 112 5.60 -25.33 5.69
N LEU B 113 4.38 -25.16 6.18
CA LEU B 113 3.20 -25.38 5.34
C LEU B 113 3.17 -24.38 4.18
N ILE B 114 3.44 -23.11 4.48
CA ILE B 114 3.47 -22.09 3.44
C ILE B 114 4.53 -22.45 2.38
N ALA B 115 5.72 -22.85 2.83
CA ALA B 115 6.79 -23.20 1.89
C ALA B 115 6.42 -24.40 1.01
N GLN B 116 5.74 -25.38 1.61
CA GLN B 116 5.26 -26.55 0.89
C GLN B 116 4.25 -26.19 -0.21
N LEU B 117 3.58 -25.04 -0.05
CA LEU B 117 2.62 -24.58 -1.04
C LEU B 117 3.21 -23.55 -2.01
N GLY B 118 4.53 -23.34 -1.92
CA GLY B 118 5.24 -22.47 -2.83
C GLY B 118 5.17 -21.01 -2.43
N GLY B 119 4.83 -20.75 -1.16
CA GLY B 119 4.76 -19.41 -0.63
C GLY B 119 3.33 -18.98 -0.37
N PRO B 120 3.13 -17.77 0.19
CA PRO B 120 1.77 -17.32 0.50
C PRO B 120 0.83 -17.32 -0.72
N GLY B 121 1.37 -17.06 -1.91
CA GLY B 121 0.56 -17.14 -3.13
C GLY B 121 -0.04 -18.51 -3.40
N GLY B 122 0.64 -19.57 -2.97
CA GLY B 122 0.11 -20.92 -3.11
C GLY B 122 -1.07 -21.20 -2.19
N VAL B 123 -1.02 -20.65 -0.99
CA VAL B 123 -2.15 -20.76 -0.08
C VAL B 123 -3.35 -20.02 -0.67
N THR B 124 -3.10 -18.84 -1.23
CA THR B 124 -4.14 -18.06 -1.89
C THR B 124 -4.70 -18.80 -3.11
N ALA B 125 -3.81 -19.42 -3.89
CA ALA B 125 -4.24 -20.20 -5.05
C ALA B 125 -5.17 -21.35 -4.65
N PHE B 126 -4.86 -22.02 -3.54
CA PHE B 126 -5.75 -23.05 -3.03
C PHE B 126 -7.13 -22.46 -2.70
N ALA B 127 -7.14 -21.29 -2.04
CA ALA B 127 -8.41 -20.64 -1.72
C ALA B 127 -9.23 -20.44 -3.00
N ARG B 128 -8.59 -19.91 -4.04
CA ARG B 128 -9.27 -19.67 -5.30
C ARG B 128 -9.78 -20.99 -5.90
N ALA B 129 -8.99 -22.05 -5.76
CA ALA B 129 -9.37 -23.35 -6.31
C ALA B 129 -10.64 -23.94 -5.69
N ILE B 130 -10.89 -23.60 -4.43
CA ILE B 130 -12.09 -24.08 -3.74
C ILE B 130 -13.21 -23.03 -3.70
N GLY B 131 -13.04 -21.96 -4.48
CA GLY B 131 -14.11 -20.99 -4.70
C GLY B 131 -14.15 -19.81 -3.76
N ASP B 132 -13.06 -19.62 -3.02
CA ASP B 132 -12.92 -18.45 -2.15
C ASP B 132 -12.14 -17.38 -2.89
N GLU B 133 -12.86 -16.34 -3.31
CA GLU B 133 -12.29 -15.25 -4.10
CA GLU B 133 -12.29 -15.25 -4.10
C GLU B 133 -11.87 -14.05 -3.24
N THR B 134 -12.03 -14.19 -1.92
CA THR B 134 -11.82 -13.10 -0.97
C THR B 134 -10.53 -13.23 -0.16
N PHE B 135 -10.26 -14.44 0.32
CA PHE B 135 -9.05 -14.74 1.09
C PHE B 135 -7.79 -14.31 0.36
N ARG B 136 -6.86 -13.69 1.09
CA ARG B 136 -5.53 -13.48 0.54
C ARG B 136 -4.48 -13.65 1.62
N LEU B 137 -3.47 -14.48 1.34
CA LEU B 137 -2.29 -14.54 2.18
C LEU B 137 -1.14 -13.93 1.42
N ASP B 138 -0.45 -12.99 2.06
CA ASP B 138 0.60 -12.22 1.41
C ASP B 138 1.98 -12.42 2.01
N ARG B 139 2.00 -12.75 3.29
CA ARG B 139 3.24 -12.81 4.05
C ARG B 139 3.38 -14.12 4.82
N THR B 140 4.58 -14.38 5.30
CA THR B 140 4.87 -15.52 6.15
C THR B 140 4.76 -15.11 7.61
N GLU B 141 5.03 -16.05 8.52
CA GLU B 141 5.12 -15.75 9.95
C GLU B 141 6.50 -15.16 10.22
N PRO B 142 6.57 -14.16 11.11
CA PRO B 142 5.50 -13.59 11.92
C PRO B 142 4.80 -12.36 11.33
N THR B 143 5.26 -11.86 10.19
CA THR B 143 4.79 -10.53 9.75
C THR B 143 3.35 -10.51 9.26
N LEU B 144 2.79 -11.70 8.97
CA LEU B 144 1.39 -11.73 8.52
C LEU B 144 0.42 -11.25 9.61
N ASN B 145 0.92 -11.07 10.83
CA ASN B 145 0.09 -10.67 11.99
C ASN B 145 0.20 -9.19 12.37
N THR B 146 0.77 -8.36 11.48
CA THR B 146 0.95 -6.94 11.81
C THR B 146 -0.39 -6.21 12.00
N ALA B 147 -1.42 -6.69 11.30
CA ALA B 147 -2.80 -6.24 11.50
C ALA B 147 -2.98 -4.71 11.45
N ILE B 148 -2.30 -4.08 10.49
CA ILE B 148 -2.36 -2.62 10.36
C ILE B 148 -3.73 -2.19 9.83
N PRO B 149 -4.40 -1.24 10.51
CA PRO B 149 -5.69 -0.74 10.03
C PRO B 149 -5.60 -0.25 8.59
N GLY B 150 -6.51 -0.71 7.74
CA GLY B 150 -6.56 -0.29 6.33
C GLY B 150 -5.71 -1.14 5.39
N ASP B 151 -4.88 -2.01 5.96
CA ASP B 151 -3.99 -2.87 5.18
C ASP B 151 -4.74 -4.12 4.73
N PRO B 152 -4.87 -4.32 3.40
CA PRO B 152 -5.60 -5.51 2.93
C PRO B 152 -4.78 -6.81 2.96
N ARG B 153 -3.48 -6.73 3.24
CA ARG B 153 -2.66 -7.94 3.26
C ARG B 153 -3.14 -8.92 4.32
N ASP B 154 -3.16 -10.21 3.97
CA ASP B 154 -3.44 -11.26 4.96
C ASP B 154 -4.80 -11.07 5.65
N THR B 155 -5.79 -10.71 4.83
CA THR B 155 -7.15 -10.50 5.30
C THR B 155 -8.16 -11.37 4.58
N THR B 156 -9.31 -11.52 5.21
CA THR B 156 -10.50 -11.99 4.52
C THR B 156 -11.72 -11.34 5.18
N THR B 157 -12.91 -11.70 4.72
CA THR B 157 -14.12 -11.20 5.39
C THR B 157 -14.73 -12.33 6.21
N PRO B 158 -15.49 -12.00 7.27
CA PRO B 158 -16.18 -13.06 8.01
C PRO B 158 -17.08 -13.95 7.15
N ARG B 159 -17.86 -13.36 6.24
CA ARG B 159 -18.74 -14.14 5.39
C ARG B 159 -17.96 -15.14 4.54
N ALA B 160 -16.88 -14.68 3.95
CA ALA B 160 -16.08 -15.54 3.09
C ALA B 160 -15.46 -16.69 3.88
N MET B 161 -14.93 -16.38 5.06
CA MET B 161 -14.25 -17.39 5.86
CA MET B 161 -14.24 -17.39 5.86
C MET B 161 -15.22 -18.42 6.41
N ALA B 162 -16.43 -17.97 6.78
CA ALA B 162 -17.44 -18.93 7.25
C ALA B 162 -17.84 -19.89 6.13
N GLN B 163 -18.07 -19.34 4.94
CA GLN B 163 -18.43 -20.17 3.79
C GLN B 163 -17.32 -21.18 3.49
N THR B 164 -16.08 -20.69 3.47
CA THR B 164 -14.95 -21.59 3.22
C THR B 164 -14.79 -22.64 4.32
N LEU B 165 -14.91 -22.24 5.57
CA LEU B 165 -14.78 -23.21 6.66
C LEU B 165 -15.87 -24.29 6.55
N ARG B 166 -17.08 -23.88 6.15
CA ARG B 166 -18.14 -24.86 5.92
C ARG B 166 -17.76 -25.84 4.81
N GLN B 167 -17.25 -25.33 3.70
CA GLN B 167 -16.86 -26.19 2.58
C GLN B 167 -15.77 -27.18 2.99
N LEU B 168 -14.81 -26.68 3.78
CA LEU B 168 -13.67 -27.51 4.20
C LEU B 168 -14.04 -28.60 5.19
N THR B 169 -14.89 -28.26 6.16
CA THR B 169 -15.16 -29.18 7.28
C THR B 169 -16.45 -29.97 7.14
N LEU B 170 -17.40 -29.46 6.37
CA LEU B 170 -18.69 -30.11 6.22
C LEU B 170 -19.06 -30.40 4.77
N GLY B 171 -18.31 -29.83 3.83
CA GLY B 171 -18.60 -29.98 2.41
C GLY B 171 -17.53 -30.78 1.68
N HIS B 172 -17.27 -30.39 0.44
CA HIS B 172 -16.46 -31.20 -0.47
C HIS B 172 -15.30 -30.47 -1.10
N ALA B 173 -14.79 -29.47 -0.40
CA ALA B 173 -13.55 -28.82 -0.81
C ALA B 173 -12.39 -29.81 -0.78
N LEU B 174 -12.47 -30.75 0.17
CA LEU B 174 -11.45 -31.77 0.35
C LEU B 174 -12.04 -33.16 0.14
N GLY B 175 -11.16 -34.13 -0.10
CA GLY B 175 -11.58 -35.53 -0.15
C GLY B 175 -12.11 -35.97 1.21
N GLU B 176 -12.87 -37.07 1.24
CA GLU B 176 -13.52 -37.51 2.48
CA GLU B 176 -13.52 -37.51 2.47
C GLU B 176 -12.54 -37.72 3.65
N THR B 177 -11.43 -38.43 3.39
CA THR B 177 -10.43 -38.68 4.44
C THR B 177 -9.78 -37.37 4.91
N GLN B 178 -9.51 -36.48 3.96
CA GLN B 178 -8.86 -35.21 4.27
C GLN B 178 -9.77 -34.32 5.10
N ARG B 179 -11.06 -34.29 4.76
CA ARG B 179 -12.04 -33.55 5.55
C ARG B 179 -12.06 -34.06 6.98
N ALA B 180 -12.15 -35.39 7.13
CA ALA B 180 -12.11 -36.00 8.46
C ALA B 180 -10.84 -35.65 9.22
N GLN B 181 -9.71 -35.63 8.53
CA GLN B 181 -8.45 -35.29 9.19
C GLN B 181 -8.45 -33.84 9.67
N LEU B 182 -8.95 -32.94 8.84
CA LEU B 182 -9.01 -31.53 9.24
C LEU B 182 -9.91 -31.34 10.46
N VAL B 183 -11.08 -31.98 10.44
CA VAL B 183 -12.02 -31.86 11.56
C VAL B 183 -11.41 -32.42 12.84
N THR B 184 -10.75 -33.58 12.74
CA THR B 184 -10.05 -34.17 13.88
C THR B 184 -9.02 -33.21 14.45
N TRP B 185 -8.21 -32.59 13.58
CA TRP B 185 -7.24 -31.63 14.07
C TRP B 185 -7.88 -30.45 14.80
N LEU B 186 -8.90 -29.84 14.18
CA LEU B 186 -9.59 -28.71 14.80
C LEU B 186 -10.20 -29.06 16.14
N LYS B 187 -10.81 -30.24 16.22
CA LYS B 187 -11.40 -30.72 17.47
C LYS B 187 -10.37 -30.92 18.58
N GLY B 188 -9.11 -31.12 18.20
CA GLY B 188 -8.03 -31.28 19.17
C GLY B 188 -7.27 -30.00 19.47
N ASN B 189 -7.79 -28.87 19.02
CA ASN B 189 -7.14 -27.59 19.32
C ASN B 189 -6.90 -27.39 20.83
N THR B 190 -5.72 -26.85 21.19
CA THR B 190 -5.41 -26.59 22.60
C THR B 190 -5.67 -25.14 23.01
N THR B 191 -5.86 -24.24 22.04
CA THR B 191 -5.82 -22.82 22.33
C THR B 191 -7.16 -22.11 22.44
N GLY B 192 -8.27 -22.85 22.40
CA GLY B 192 -9.58 -22.25 22.14
C GLY B 192 -10.58 -22.08 23.26
N ALA B 193 -10.25 -22.53 24.47
CA ALA B 193 -11.28 -22.56 25.53
C ALA B 193 -11.75 -21.20 26.02
N ALA B 194 -11.00 -20.13 25.73
CA ALA B 194 -11.34 -18.78 26.18
C ALA B 194 -12.05 -17.96 25.12
N SER B 195 -12.17 -18.50 23.92
CA SER B 195 -12.66 -17.73 22.77
C SER B 195 -14.12 -18.12 22.43
N ILE B 196 -14.42 -18.46 21.17
CA ILE B 196 -15.81 -18.82 20.82
C ILE B 196 -16.40 -19.84 21.80
N ARG B 197 -15.62 -20.88 22.08
CA ARG B 197 -16.16 -22.00 22.85
C ARG B 197 -16.51 -21.64 24.29
N ALA B 198 -15.92 -20.56 24.81
CA ALA B 198 -16.29 -20.10 26.18
C ALA B 198 -17.73 -19.57 26.23
N GLY B 199 -18.25 -19.16 25.09
CA GLY B 199 -19.62 -18.64 25.00
C GLY B 199 -20.68 -19.66 24.64
N LEU B 200 -20.29 -20.92 24.50
CA LEU B 200 -21.20 -21.97 24.07
C LEU B 200 -21.57 -22.89 25.23
N PRO B 201 -22.79 -23.46 25.20
CA PRO B 201 -23.15 -24.48 26.18
C PRO B 201 -22.10 -25.58 26.23
N THR B 202 -21.80 -26.04 27.45
CA THR B 202 -20.73 -27.02 27.65
C THR B 202 -21.04 -28.39 27.03
N SER B 203 -22.31 -28.68 26.80
CA SER B 203 -22.72 -29.96 26.19
C SER B 203 -22.37 -30.01 24.70
N TRP B 204 -22.21 -28.84 24.08
CA TRP B 204 -21.87 -28.75 22.66
C TRP B 204 -20.42 -29.17 22.42
N THR B 205 -20.15 -29.66 21.22
CA THR B 205 -18.80 -30.05 20.82
C THR B 205 -18.36 -29.10 19.71
N ALA B 206 -17.06 -28.83 19.63
CA ALA B 206 -16.57 -27.90 18.63
C ALA B 206 -15.11 -28.12 18.30
N GLY B 207 -14.71 -27.61 17.13
CA GLY B 207 -13.31 -27.47 16.78
C GLY B 207 -13.09 -26.03 16.36
N ASP B 208 -11.89 -25.50 16.59
CA ASP B 208 -11.67 -24.10 16.29
C ASP B 208 -10.20 -23.82 16.04
N LYS B 209 -9.95 -22.65 15.44
CA LYS B 209 -8.60 -22.13 15.29
C LYS B 209 -8.60 -20.66 15.67
N THR B 210 -7.76 -20.33 16.63
CA THR B 210 -7.62 -18.96 17.13
C THR B 210 -6.58 -18.18 16.32
N GLY B 211 -6.60 -16.87 16.50
CA GLY B 211 -5.53 -16.03 15.98
C GLY B 211 -5.43 -14.75 16.77
N SER B 212 -4.23 -14.17 16.78
CA SER B 212 -4.05 -12.84 17.38
C SER B 212 -2.87 -12.13 16.75
N GLY B 213 -2.80 -10.83 16.95
CA GLY B 213 -1.69 -10.05 16.40
C GLY B 213 -1.62 -8.66 17.01
N ASP B 214 -0.91 -7.77 16.33
CA ASP B 214 -0.88 -6.37 16.75
C ASP B 214 -2.27 -5.74 16.65
N TYR B 215 -2.41 -4.52 17.16
CA TYR B 215 -3.70 -3.83 17.24
C TYR B 215 -4.73 -4.63 18.04
N GLY B 216 -4.23 -5.39 19.01
CA GLY B 216 -5.10 -6.17 19.88
C GLY B 216 -6.02 -7.09 19.11
N THR B 217 -5.55 -7.53 17.94
CA THR B 217 -6.35 -8.39 17.08
C THR B 217 -6.55 -9.74 17.75
N THR B 218 -7.81 -10.18 17.80
CA THR B 218 -8.19 -11.38 18.53
C THR B 218 -9.28 -12.07 17.72
N ASN B 219 -8.97 -13.26 17.21
CA ASN B 219 -9.82 -13.96 16.24
C ASN B 219 -10.08 -15.40 16.62
N ASP B 220 -11.14 -15.97 16.08
CA ASP B 220 -11.42 -17.39 16.23
C ASP B 220 -12.38 -17.81 15.13
N ILE B 221 -12.18 -19.00 14.58
CA ILE B 221 -13.13 -19.58 13.62
C ILE B 221 -13.44 -20.99 14.10
N ALA B 222 -14.70 -21.38 14.03
CA ALA B 222 -15.13 -22.64 14.64
C ALA B 222 -16.18 -23.38 13.84
N VAL B 223 -16.15 -24.71 13.95
CA VAL B 223 -17.24 -25.58 13.52
C VAL B 223 -17.78 -26.20 14.80
N ILE B 224 -19.10 -26.16 14.94
CA ILE B 224 -19.78 -26.43 16.19
C ILE B 224 -20.88 -27.46 15.96
N TRP B 225 -20.91 -28.48 16.80
CA TRP B 225 -21.97 -29.48 16.80
C TRP B 225 -22.81 -29.34 18.07
N PRO B 226 -23.90 -28.54 18.01
CA PRO B 226 -24.75 -28.36 19.18
C PRO B 226 -25.47 -29.65 19.50
N GLN B 227 -25.82 -29.83 20.77
CA GLN B 227 -26.56 -31.02 21.16
C GLN B 227 -27.93 -31.03 20.50
N GLY B 228 -28.20 -32.10 19.76
CA GLY B 228 -29.52 -32.34 19.20
C GLY B 228 -29.90 -31.54 17.97
N ARG B 229 -28.93 -30.85 17.35
CA ARG B 229 -29.18 -30.12 16.10
CA ARG B 229 -29.18 -30.15 16.09
C ARG B 229 -27.97 -30.10 15.16
N ALA B 230 -28.20 -29.67 13.92
CA ALA B 230 -27.20 -29.65 12.87
C ALA B 230 -26.05 -28.69 13.19
N PRO B 231 -24.85 -28.92 12.62
CA PRO B 231 -23.70 -28.08 12.92
C PRO B 231 -23.83 -26.62 12.51
N LEU B 232 -23.04 -25.79 13.19
CA LEU B 232 -22.92 -24.36 12.89
C LEU B 232 -21.49 -24.10 12.50
N VAL B 233 -21.31 -23.05 11.70
CA VAL B 233 -19.99 -22.50 11.44
C VAL B 233 -20.03 -21.08 11.94
N LEU B 234 -19.01 -20.69 12.72
CA LEU B 234 -18.97 -19.36 13.29
C LEU B 234 -17.57 -18.75 13.20
N VAL B 235 -17.51 -17.54 12.65
CA VAL B 235 -16.30 -16.76 12.57
C VAL B 235 -16.48 -15.50 13.41
N THR B 236 -15.50 -15.23 14.28
CA THR B 236 -15.51 -14.00 15.07
C THR B 236 -14.14 -13.35 14.96
N TYR B 237 -14.11 -12.15 14.36
CA TYR B 237 -12.88 -11.39 14.18
C TYR B 237 -12.99 -10.08 14.97
N PHE B 238 -11.89 -9.66 15.58
CA PHE B 238 -11.88 -8.45 16.39
C PHE B 238 -10.55 -7.74 16.30
N THR B 239 -10.59 -6.44 16.12
CA THR B 239 -9.34 -5.67 16.07
C THR B 239 -9.56 -4.27 16.67
N GLN B 240 -8.47 -3.60 17.03
CA GLN B 240 -8.56 -2.37 17.85
C GLN B 240 -7.70 -1.25 17.26
N PRO B 241 -7.94 0.01 17.69
CA PRO B 241 -7.21 1.15 17.10
C PRO B 241 -5.75 1.29 17.52
N GLN B 242 -5.39 0.80 18.71
CA GLN B 242 -4.05 1.01 19.28
C GLN B 242 -3.16 -0.19 18.99
N GLN B 243 -1.96 0.07 18.46
CA GLN B 243 -1.04 -1.02 18.11
C GLN B 243 -0.76 -1.99 19.25
N ASN B 244 -0.67 -1.46 20.46
CA ASN B 244 -0.32 -2.24 21.65
CA ASN B 244 -0.32 -2.27 21.64
C ASN B 244 -1.52 -2.64 22.50
N ALA B 245 -2.72 -2.60 21.92
CA ALA B 245 -3.94 -2.98 22.65
C ALA B 245 -3.84 -4.43 23.14
N GLU B 246 -4.47 -4.70 24.28
CA GLU B 246 -4.54 -6.05 24.86
C GLU B 246 -5.43 -6.97 24.05
N SER B 247 -5.14 -8.27 24.07
CA SER B 247 -6.04 -9.26 23.48
C SER B 247 -7.36 -9.27 24.20
N ARG B 248 -8.43 -9.58 23.48
CA ARG B 248 -9.78 -9.59 24.04
C ARG B 248 -10.56 -10.85 23.66
N ARG B 249 -10.07 -12.00 24.11
CA ARG B 249 -10.77 -13.24 23.84
C ARG B 249 -12.20 -13.25 24.41
N ASP B 250 -12.41 -12.49 25.49
CA ASP B 250 -13.73 -12.35 26.10
C ASP B 250 -14.75 -11.74 25.14
N VAL B 251 -14.29 -10.91 24.21
CA VAL B 251 -15.21 -10.30 23.24
C VAL B 251 -15.73 -11.38 22.29
N LEU B 252 -14.85 -12.31 21.91
CA LEU B 252 -15.25 -13.41 21.04
C LEU B 252 -16.21 -14.35 21.76
N ALA B 253 -15.91 -14.65 23.03
CA ALA B 253 -16.81 -15.45 23.86
C ALA B 253 -18.19 -14.80 23.99
N SER B 254 -18.19 -13.50 24.25
CA SER B 254 -19.44 -12.72 24.34
C SER B 254 -20.23 -12.77 23.03
N ALA B 255 -19.55 -12.63 21.90
CA ALA B 255 -20.20 -12.69 20.60
C ALA B 255 -20.84 -14.07 20.39
N ALA B 256 -20.10 -15.12 20.74
CA ALA B 256 -20.62 -16.48 20.60
C ALA B 256 -21.84 -16.73 21.48
N ARG B 257 -21.83 -16.17 22.69
CA ARG B 257 -22.93 -16.33 23.64
C ARG B 257 -24.19 -15.66 23.10
N ILE B 258 -24.04 -14.47 22.53
CA ILE B 258 -25.14 -13.76 21.87
C ILE B 258 -25.72 -14.59 20.73
N ILE B 259 -24.84 -15.19 19.93
CA ILE B 259 -25.25 -16.07 18.83
C ILE B 259 -26.00 -17.30 19.33
N ALA B 260 -25.46 -17.97 20.34
CA ALA B 260 -26.03 -19.20 20.89
C ALA B 260 -27.41 -18.98 21.50
N GLU B 261 -27.55 -17.87 22.22
CA GLU B 261 -28.83 -17.50 22.84
CA GLU B 261 -28.82 -17.49 22.85
C GLU B 261 -29.86 -17.06 21.81
N GLY B 262 -29.38 -16.63 20.65
CA GLY B 262 -30.25 -16.19 19.55
C GLY B 262 -30.77 -17.29 18.63
N LEU B 263 -30.28 -18.52 18.82
CA LEU B 263 -30.71 -19.66 18.02
C LEU B 263 -32.08 -20.18 18.45
F21 F13 C . 25.21 21.69 -12.54
C16 F13 C . 24.56 21.01 -13.51
C15 F13 C . 23.52 21.62 -14.20
C17 F13 C . 24.94 19.71 -13.84
C18 F13 C . 24.28 19.02 -14.84
C19 F13 C . 23.21 19.61 -15.51
C14 F13 C . 22.84 20.92 -15.20
C13 F13 C . 21.69 21.58 -15.91
O20 F13 C . 21.58 22.80 -15.85
N12 F13 C . 20.82 20.80 -16.57
C10 F13 C . 19.68 21.23 -17.17
C9 F13 C . 19.57 22.50 -17.76
C8 F13 C . 18.38 22.90 -18.36
C7 F13 C . 17.27 22.05 -18.40
C6 F13 C . 17.39 20.80 -17.82
C11 F13 C . 18.56 20.39 -17.21
C4 F13 C . 16.22 19.88 -17.85
N5 F13 C . 16.31 18.54 -17.74
N1 F13 C . 15.03 18.01 -17.83
N2 F13 C . 14.16 19.09 -17.99
N3 F13 C . 14.93 20.25 -18.00
F21 F13 D . 8.94 35.76 -1.53
C16 F13 D . 7.77 35.80 -2.17
C15 F13 D . 6.60 35.49 -1.50
C17 F13 D . 7.73 36.15 -3.52
C18 F13 D . 6.51 36.20 -4.20
C19 F13 D . 5.34 35.88 -3.53
C14 F13 D . 5.38 35.53 -2.18
C13 F13 D . 4.12 35.22 -1.45
O20 F13 D . 4.15 34.50 -0.47
N12 F13 D . 3.00 35.79 -1.91
C10 F13 D . 1.75 35.55 -1.48
C9 F13 D . 1.40 34.36 -0.84
C8 F13 D . 0.09 34.13 -0.41
C7 F13 D . -0.88 35.11 -0.61
C6 F13 D . -0.54 36.30 -1.26
C11 F13 D . 0.76 36.53 -1.68
C4 F13 D . -1.59 37.33 -1.48
N5 F13 D . -1.66 38.11 -2.59
N1 F13 D . -2.78 38.95 -2.45
N2 F13 D . -3.38 38.62 -1.24
N3 F13 D . -2.61 37.61 -0.66
F21 F13 E . 4.12 -9.35 14.03
C16 F13 E . 3.45 -9.83 15.09
C15 F13 E . 3.32 -11.21 15.23
C17 F13 E . 2.89 -8.97 16.03
C18 F13 E . 2.19 -9.50 17.11
C19 F13 E . 2.04 -10.88 17.24
C14 F13 E . 2.62 -11.74 16.31
C13 F13 E . 2.47 -13.23 16.43
O20 F13 E . 3.19 -13.92 15.76
N12 F13 E . 1.54 -13.72 17.27
C10 F13 E . 1.18 -15.03 17.38
C9 F13 E . 2.12 -16.07 17.22
C8 F13 E . 1.73 -17.40 17.35
C7 F13 E . 0.40 -17.72 17.65
C6 F13 E . -0.52 -16.68 17.81
C11 F13 E . -0.13 -15.34 17.69
C4 F13 E . -1.92 -17.03 18.15
N5 F13 E . -2.79 -16.19 18.76
N1 F13 E . -3.99 -16.87 18.93
N2 F13 E . -3.83 -18.15 18.39
N3 F13 E . -2.53 -18.20 17.90
F21 F13 F . -3.44 -27.64 -3.43
C16 F13 F . -3.28 -26.62 -4.29
C15 F13 F . -2.00 -26.12 -4.53
C17 F13 F . -4.40 -26.06 -4.94
C18 F13 F . -4.21 -25.01 -5.83
C19 F13 F . -2.92 -24.52 -6.06
C14 F13 F . -1.80 -25.07 -5.42
C13 F13 F . -0.42 -24.51 -5.70
O20 F13 F . -0.33 -23.36 -6.10
N12 F13 F . 0.63 -25.31 -5.51
C10 F13 F . 1.95 -24.98 -5.67
C9 F13 F . 2.89 -25.64 -4.88
C8 F13 F . 4.25 -25.34 -5.00
C7 F13 F . 4.67 -24.40 -5.91
C6 F13 F . 3.73 -23.73 -6.71
C11 F13 F . 2.37 -24.03 -6.59
C4 F13 F . 4.19 -22.72 -7.70
N5 F13 F . 5.32 -21.99 -7.60
N1 F13 F . 5.40 -21.15 -8.73
N2 F13 F . 4.26 -21.41 -9.50
N3 F13 F . 3.53 -22.39 -8.83
F21 F13 G . 4.72 -24.49 -11.97
C16 F13 G . 4.56 -25.17 -10.82
C15 F13 G . 3.30 -25.64 -10.47
C17 F13 G . 5.66 -25.41 -10.00
C18 F13 G . 5.51 -26.13 -8.83
C19 F13 G . 4.24 -26.61 -8.46
C14 F13 G . 3.14 -26.36 -9.29
C13 F13 G . 1.80 -26.87 -8.89
O20 F13 G . 1.73 -28.00 -8.42
N12 F13 G . 0.75 -26.06 -9.04
C10 F13 G . -0.55 -26.44 -8.88
C9 F13 G . -1.56 -25.80 -9.60
C8 F13 G . -2.89 -26.19 -9.43
C7 F13 G . -3.22 -27.19 -8.51
C6 F13 G . -2.21 -27.83 -7.79
C11 F13 G . -0.88 -27.45 -7.97
C4 F13 G . -2.51 -28.90 -6.82
N5 F13 G . -3.75 -29.34 -6.48
N1 F13 G . -3.61 -30.36 -5.54
N2 F13 G . -2.24 -30.54 -5.32
N3 F13 G . -1.58 -29.61 -6.13
F21 F13 H . -0.80 -20.05 20.97
C16 F13 H . -1.09 -18.78 21.33
C15 F13 H . -0.15 -17.77 21.14
C17 F13 H . -2.33 -18.51 21.90
C18 F13 H . -2.63 -17.19 22.28
C19 F13 H . -1.70 -16.17 22.07
C14 F13 H . -0.46 -16.46 21.50
C13 F13 H . 0.55 -15.36 21.29
O20 F13 H . 0.20 -14.20 21.47
N12 F13 H . 1.78 -15.71 20.89
C10 F13 H . 2.85 -14.90 20.74
C9 F13 H . 4.11 -15.51 20.72
C8 F13 H . 5.26 -14.75 20.55
C7 F13 H . 5.18 -13.37 20.43
C6 F13 H . 3.94 -12.74 20.45
C11 F13 H . 2.77 -13.51 20.61
C4 F13 H . 3.88 -11.27 20.31
N5 F13 H . 4.81 -10.51 19.69
N1 F13 H . 4.43 -9.17 19.77
N2 F13 H . 3.22 -9.12 20.48
N3 F13 H . 2.91 -10.46 20.81
S DMS I . -26.06 -19.68 2.86
O DMS I . -24.68 -19.63 4.03
C1 DMS I . -25.52 -19.01 1.26
C2 DMS I . -26.35 -21.39 2.35
S DMS J . -23.41 -16.23 0.85
O DMS J . -23.50 -15.25 2.34
C1 DMS J . -23.58 -15.11 -0.56
C2 DMS J . -21.69 -16.78 0.61
#